data_2MUG
#
_entry.id   2MUG
#
_entity_poly.entity_id   1
_entity_poly.type   'polypeptide(L)'
_entity_poly.pdbx_seq_one_letter_code
;(ACE)NEVSERVHVYHILKHIKDGK(NH2)
;
_entity_poly.pdbx_strand_id   A
#
loop_
_chem_comp.id
_chem_comp.type
_chem_comp.name
_chem_comp.formula
ACE non-polymer 'ACETYL GROUP' 'C2 H4 O'
NH2 non-polymer 'AMINO GROUP' 'H2 N'
#
# COMPACT_ATOMS: atom_id res chain seq x y z
C ACE A 1 -0.09 -11.88 -11.16
O ACE A 1 -0.72 -11.34 -12.07
CH3 ACE A 1 -0.61 -13.20 -10.57
H1 ACE A 1 -0.83 -13.09 -9.50
H2 ACE A 1 0.13 -14.00 -10.70
H3 ACE A 1 -1.55 -13.50 -11.07
N ASN A 2 1.03 -11.28 -10.72
CA ASN A 2 1.91 -11.80 -9.64
C ASN A 2 1.38 -11.32 -8.26
N GLU A 3 1.08 -12.30 -7.37
CA GLU A 3 0.55 -12.05 -5.99
C GLU A 3 1.38 -11.08 -5.08
N VAL A 4 2.72 -11.18 -5.10
CA VAL A 4 3.63 -10.29 -4.32
C VAL A 4 3.54 -8.83 -4.84
N SER A 5 3.76 -8.61 -6.16
CA SER A 5 3.68 -7.28 -6.81
C SER A 5 2.32 -6.52 -6.57
N GLU A 6 1.18 -7.19 -6.81
CA GLU A 6 -0.18 -6.60 -6.60
C GLU A 6 -0.52 -6.18 -5.13
N ARG A 7 -0.26 -7.06 -4.15
CA ARG A 7 -0.52 -6.77 -2.71
C ARG A 7 0.41 -5.69 -2.07
N VAL A 8 1.73 -5.66 -2.37
CA VAL A 8 2.67 -4.62 -1.84
C VAL A 8 2.21 -3.18 -2.30
N HIS A 9 1.82 -3.00 -3.59
CA HIS A 9 1.31 -1.73 -4.15
C HIS A 9 0.09 -1.16 -3.38
N VAL A 10 -0.96 -1.99 -3.17
CA VAL A 10 -2.19 -1.59 -2.44
C VAL A 10 -1.95 -1.31 -0.92
N TYR A 11 -1.02 -2.01 -0.24
CA TYR A 11 -0.67 -1.79 1.19
C TYR A 11 0.04 -0.42 1.43
N HIS A 12 1.01 -0.02 0.57
CA HIS A 12 1.73 1.29 0.67
C HIS A 12 0.83 2.55 0.43
N ILE A 13 -0.18 2.49 -0.47
CA ILE A 13 -1.12 3.62 -0.73
C ILE A 13 -1.96 3.93 0.56
N LEU A 14 -2.60 2.91 1.19
CA LEU A 14 -3.36 3.08 2.46
C LEU A 14 -2.45 3.43 3.68
N LYS A 15 -1.23 2.85 3.84
CA LYS A 15 -0.31 3.18 4.96
C LYS A 15 0.18 4.66 5.00
N HIS A 16 0.61 5.21 3.84
CA HIS A 16 1.06 6.63 3.71
C HIS A 16 -0.06 7.70 3.92
N ILE A 17 -1.27 7.47 3.39
CA ILE A 17 -2.43 8.43 3.53
C ILE A 17 -3.01 8.40 4.99
N LYS A 18 -3.39 7.22 5.54
CA LYS A 18 -3.97 7.11 6.91
C LYS A 18 -2.98 7.48 8.06
N ASP A 19 -1.78 6.87 8.13
CA ASP A 19 -0.76 7.20 9.17
C ASP A 19 -0.10 8.61 8.99
N GLY A 20 0.33 8.99 7.76
CA GLY A 20 0.91 10.31 7.48
C GLY A 20 -0.09 11.49 7.48
N LYS A 21 -1.03 11.50 6.51
CA LYS A 21 -2.08 12.59 6.34
C LYS A 21 -1.55 13.82 5.54
N NH2 A 22 -0.47 14.47 5.95
HN1 NH2 A 22 -0.16 15.26 5.37
HN2 NH2 A 22 0.04 14.04 6.72
C ACE A 1 0.24 -13.24 -10.92
O ACE A 1 -0.67 -12.46 -10.60
CH3 ACE A 1 -0.08 -14.43 -11.83
H1 ACE A 1 -1.15 -14.46 -12.10
H2 ACE A 1 0.49 -14.37 -12.78
H3 ACE A 1 0.17 -15.38 -11.34
N ASN A 2 1.52 -13.13 -10.54
CA ASN A 2 2.07 -11.97 -9.72
C ASN A 2 1.24 -11.37 -8.51
N GLU A 3 0.57 -12.24 -7.74
CA GLU A 3 -0.27 -11.85 -6.56
C GLU A 3 0.46 -11.06 -5.42
N VAL A 4 1.72 -11.43 -5.09
CA VAL A 4 2.54 -10.74 -4.07
C VAL A 4 2.87 -9.28 -4.50
N SER A 5 3.44 -9.11 -5.71
CA SER A 5 3.77 -7.77 -6.29
C SER A 5 2.59 -6.76 -6.34
N GLU A 6 1.40 -7.18 -6.87
CA GLU A 6 0.18 -6.32 -6.93
C GLU A 6 -0.39 -5.85 -5.55
N ARG A 7 -0.52 -6.76 -4.57
CA ARG A 7 -1.05 -6.44 -3.21
C ARG A 7 -0.08 -5.57 -2.33
N VAL A 8 1.25 -5.84 -2.31
CA VAL A 8 2.24 -5.03 -1.54
C VAL A 8 2.21 -3.52 -2.01
N HIS A 9 2.19 -3.26 -3.34
CA HIS A 9 2.10 -1.92 -3.95
C HIS A 9 0.88 -1.09 -3.47
N VAL A 10 -0.33 -1.69 -3.53
CA VAL A 10 -1.60 -1.03 -3.10
C VAL A 10 -1.69 -0.80 -1.54
N TYR A 11 -1.12 -1.70 -0.70
CA TYR A 11 -1.10 -1.55 0.79
C TYR A 11 -0.18 -0.39 1.26
N HIS A 12 1.05 -0.24 0.69
CA HIS A 12 2.00 0.87 1.05
C HIS A 12 1.47 2.29 0.70
N ILE A 13 0.78 2.49 -0.45
CA ILE A 13 0.18 3.81 -0.85
C ILE A 13 -0.92 4.21 0.20
N LEU A 14 -1.85 3.29 0.55
CA LEU A 14 -2.91 3.53 1.57
C LEU A 14 -2.33 3.79 3.01
N LYS A 15 -1.31 3.02 3.48
CA LYS A 15 -0.65 3.20 4.80
C LYS A 15 -0.02 4.62 5.00
N HIS A 16 0.77 5.10 4.02
CA HIS A 16 1.41 6.44 4.05
C HIS A 16 0.41 7.65 4.09
N ILE A 17 -0.70 7.59 3.33
CA ILE A 17 -1.74 8.67 3.31
C ILE A 17 -2.50 8.76 4.68
N LYS A 18 -3.05 7.64 5.21
CA LYS A 18 -3.76 7.63 6.53
C LYS A 18 -2.87 7.95 7.79
N ASP A 19 -1.60 7.47 7.83
CA ASP A 19 -0.65 7.73 8.94
C ASP A 19 -0.14 9.21 8.98
N GLY A 20 0.37 9.76 7.85
CA GLY A 20 0.84 11.16 7.77
C GLY A 20 -0.27 12.22 7.82
N LYS A 21 -1.13 12.27 6.78
CA LYS A 21 -2.27 13.22 6.72
C LYS A 21 -3.47 12.75 7.60
N NH2 A 22 -4.15 11.65 7.29
HN1 NH2 A 22 -4.92 11.40 7.93
HN2 NH2 A 22 -3.87 11.15 6.46
C ACE A 1 1.03 -12.37 -11.87
O ACE A 1 0.48 -11.80 -12.81
CH3 ACE A 1 1.43 -13.84 -12.04
H1 ACE A 1 1.24 -14.18 -13.07
H2 ACE A 1 0.84 -14.49 -11.36
H3 ACE A 1 2.50 -13.98 -11.82
N ASN A 2 1.25 -11.68 -10.74
CA ASN A 2 1.89 -12.23 -9.51
C ASN A 2 1.17 -11.58 -8.29
N GLU A 3 0.58 -12.45 -7.44
CA GLU A 3 -0.17 -12.06 -6.21
C GLU A 3 0.61 -11.19 -5.16
N VAL A 4 1.90 -11.48 -4.92
CA VAL A 4 2.77 -10.73 -3.98
C VAL A 4 2.99 -9.26 -4.47
N SER A 5 3.46 -9.08 -5.72
CA SER A 5 3.68 -7.73 -6.32
C SER A 5 2.44 -6.78 -6.32
N GLU A 6 1.26 -7.28 -6.77
CA GLU A 6 -0.02 -6.51 -6.78
C GLU A 6 -0.54 -6.04 -5.38
N ARG A 7 -0.57 -6.94 -4.38
CA ARG A 7 -1.03 -6.62 -2.99
C ARG A 7 -0.07 -5.67 -2.20
N VAL A 8 1.27 -5.84 -2.29
CA VAL A 8 2.26 -4.94 -1.60
C VAL A 8 2.09 -3.45 -2.09
N HIS A 9 1.94 -3.22 -3.41
CA HIS A 9 1.72 -1.89 -4.03
C HIS A 9 0.47 -1.14 -3.45
N VAL A 10 -0.71 -1.82 -3.43
CA VAL A 10 -1.97 -1.26 -2.91
C VAL A 10 -1.96 -1.00 -1.35
N TYR A 11 -1.26 -1.84 -0.55
CA TYR A 11 -1.14 -1.66 0.93
C TYR A 11 -0.27 -0.41 1.31
N HIS A 12 0.89 -0.18 0.65
CA HIS A 12 1.76 1.01 0.89
C HIS A 12 1.11 2.39 0.52
N ILE A 13 0.23 2.46 -0.51
CA ILE A 13 -0.49 3.73 -0.90
C ILE A 13 -1.44 4.17 0.28
N LEU A 14 -2.31 3.27 0.79
CA LEU A 14 -3.22 3.56 1.93
C LEU A 14 -2.44 3.78 3.28
N LYS A 15 -1.37 2.99 3.59
CA LYS A 15 -0.54 3.17 4.82
C LYS A 15 0.13 4.57 4.96
N HIS A 16 0.77 5.08 3.88
CA HIS A 16 1.42 6.42 3.84
C HIS A 16 0.43 7.62 4.04
N ILE A 17 -0.76 7.58 3.40
CA ILE A 17 -1.80 8.63 3.52
C ILE A 17 -2.39 8.70 4.97
N LYS A 18 -2.88 7.57 5.55
CA LYS A 18 -3.42 7.53 6.95
C LYS A 18 -2.41 7.91 8.08
N ASP A 19 -1.13 7.50 7.99
CA ASP A 19 -0.09 7.85 9.01
C ASP A 19 0.34 9.35 8.97
N GLY A 20 0.56 9.95 7.79
CA GLY A 20 0.94 11.38 7.65
C GLY A 20 -0.20 12.36 7.96
N LYS A 21 -1.19 12.48 7.04
CA LYS A 21 -2.37 13.36 7.22
C LYS A 21 -3.54 12.55 6.60
N NH2 A 22 -4.24 11.74 7.40
HN1 NH2 A 22 -4.00 11.76 8.39
HN2 NH2 A 22 -4.68 10.97 6.89
C ACE A 1 0.19 -11.49 -11.21
O ACE A 1 -0.12 -10.74 -12.15
CH3 ACE A 1 -0.71 -12.66 -10.86
H1 ACE A 1 -1.64 -12.65 -11.47
H2 ACE A 1 -0.20 -13.62 -11.05
H3 ACE A 1 -1.02 -12.63 -9.80
N ASN A 2 1.33 -11.21 -10.55
CA ASN A 2 1.86 -12.01 -9.40
C ASN A 2 1.24 -11.49 -8.07
N GLU A 3 0.79 -12.43 -7.22
CA GLU A 3 0.17 -12.15 -5.90
C GLU A 3 0.97 -11.24 -4.90
N VAL A 4 2.30 -11.41 -4.82
CA VAL A 4 3.20 -10.59 -3.96
C VAL A 4 3.27 -9.12 -4.47
N SER A 5 3.62 -8.92 -5.77
CA SER A 5 3.69 -7.57 -6.40
C SER A 5 2.38 -6.72 -6.29
N GLU A 6 1.20 -7.31 -6.61
CA GLU A 6 -0.12 -6.62 -6.52
C GLU A 6 -0.52 -6.15 -5.08
N ARG A 7 -0.36 -7.00 -4.06
CA ARG A 7 -0.66 -6.66 -2.64
C ARG A 7 0.31 -5.61 -2.01
N VAL A 8 1.65 -5.67 -2.25
CA VAL A 8 2.63 -4.68 -1.72
C VAL A 8 2.28 -3.23 -2.23
N HIS A 9 1.98 -3.06 -3.54
CA HIS A 9 1.57 -1.77 -4.16
C HIS A 9 0.33 -1.11 -3.47
N VAL A 10 -0.76 -1.89 -3.29
CA VAL A 10 -2.01 -1.41 -2.65
C VAL A 10 -1.87 -1.09 -1.12
N TYR A 11 -1.02 -1.83 -0.37
CA TYR A 11 -0.75 -1.58 1.08
C TYR A 11 0.04 -0.25 1.32
N HIS A 12 1.10 0.04 0.54
CA HIS A 12 1.90 1.29 0.66
C HIS A 12 1.10 2.60 0.35
N ILE A 13 0.18 2.60 -0.64
CA ILE A 13 -0.67 3.79 -0.98
C ILE A 13 -1.62 4.11 0.25
N LEU A 14 -2.32 3.09 0.80
CA LEU A 14 -3.20 3.24 1.99
C LEU A 14 -2.42 3.62 3.29
N LYS A 15 -1.23 3.04 3.58
CA LYS A 15 -0.40 3.39 4.77
C LYS A 15 0.10 4.86 4.78
N HIS A 16 0.67 5.36 3.68
CA HIS A 16 1.15 6.76 3.53
C HIS A 16 0.04 7.85 3.68
N ILE A 17 -1.16 7.65 3.10
CA ILE A 17 -2.30 8.62 3.18
C ILE A 17 -2.95 8.61 4.62
N LYS A 18 -3.39 7.44 5.16
CA LYS A 18 -4.01 7.34 6.49
C LYS A 18 -3.05 7.68 7.69
N ASP A 19 -1.93 6.93 7.84
CA ASP A 19 -0.92 7.19 8.91
C ASP A 19 -0.09 8.50 8.73
N GLY A 20 0.40 8.81 7.51
CA GLY A 20 1.19 10.04 7.24
C GLY A 20 0.39 11.37 7.25
N LYS A 21 -0.59 11.52 6.34
CA LYS A 21 -1.43 12.76 6.25
C LYS A 21 -2.53 12.80 7.35
N NH2 A 22 -3.52 11.92 7.35
HN1 NH2 A 22 -4.21 12.01 8.11
HN2 NH2 A 22 -3.52 11.22 6.60
C ACE A 1 0.55 -11.75 -11.17
O ACE A 1 -0.29 -12.62 -10.87
CH3 ACE A 1 0.32 -10.86 -12.39
H1 ACE A 1 -0.63 -11.11 -12.91
H2 ACE A 1 1.13 -10.96 -13.13
H3 ACE A 1 0.25 -9.79 -12.09
N ASN A 2 1.67 -11.53 -10.49
CA ASN A 2 2.05 -12.30 -9.27
C ASN A 2 1.35 -11.71 -8.01
N GLU A 3 0.75 -12.60 -7.19
CA GLU A 3 0.03 -12.24 -5.94
C GLU A 3 0.77 -11.37 -4.89
N VAL A 4 2.08 -11.59 -4.68
CA VAL A 4 2.93 -10.81 -3.74
C VAL A 4 3.14 -9.37 -4.28
N SER A 5 3.65 -9.22 -5.53
CA SER A 5 3.86 -7.90 -6.19
C SER A 5 2.60 -6.96 -6.24
N GLU A 6 1.44 -7.51 -6.67
CA GLU A 6 0.16 -6.75 -6.74
C GLU A 6 -0.37 -6.22 -5.36
N ARG A 7 -0.38 -7.06 -4.31
CA ARG A 7 -0.81 -6.65 -2.94
C ARG A 7 0.15 -5.63 -2.24
N VAL A 8 1.50 -5.78 -2.35
CA VAL A 8 2.49 -4.82 -1.76
C VAL A 8 2.25 -3.36 -2.27
N HIS A 9 2.04 -3.17 -3.61
CA HIS A 9 1.75 -1.86 -4.24
C HIS A 9 0.48 -1.16 -3.64
N VAL A 10 -0.66 -1.89 -3.61
CA VAL A 10 -1.94 -1.35 -3.08
C VAL A 10 -1.92 -1.05 -1.53
N TYR A 11 -1.21 -1.86 -0.71
CA TYR A 11 -1.09 -1.64 0.76
C TYR A 11 -0.27 -0.33 1.10
N HIS A 12 0.88 -0.08 0.43
CA HIS A 12 1.69 1.15 0.64
C HIS A 12 0.97 2.49 0.26
N ILE A 13 0.07 2.50 -0.74
CA ILE A 13 -0.73 3.70 -1.15
C ILE A 13 -1.67 4.12 0.04
N LEU A 14 -2.48 3.19 0.61
CA LEU A 14 -3.36 3.46 1.77
C LEU A 14 -2.56 3.75 3.10
N LYS A 15 -1.46 3.02 3.40
CA LYS A 15 -0.61 3.24 4.62
C LYS A 15 -0.03 4.69 4.72
N HIS A 16 0.56 5.21 3.63
CA HIS A 16 1.12 6.60 3.57
C HIS A 16 0.07 7.74 3.78
N ILE A 17 -1.16 7.59 3.25
CA ILE A 17 -2.26 8.60 3.38
C ILE A 17 -2.75 8.71 4.86
N LYS A 18 -3.17 7.61 5.52
CA LYS A 18 -3.62 7.63 6.95
C LYS A 18 -2.50 7.93 8.02
N ASP A 19 -1.27 7.39 7.85
CA ASP A 19 -0.14 7.65 8.78
C ASP A 19 0.40 9.12 8.72
N GLY A 20 0.68 9.66 7.51
CA GLY A 20 1.15 11.05 7.34
C GLY A 20 0.08 12.12 7.60
N LYS A 21 -0.98 12.17 6.75
CA LYS A 21 -2.10 13.14 6.92
C LYS A 21 -3.12 12.63 7.99
N NH2 A 22 -3.91 11.59 7.74
HN1 NH2 A 22 -4.55 11.32 8.49
HN2 NH2 A 22 -3.82 11.16 6.82
C ACE A 1 0.31 -11.77 -11.33
O ACE A 1 -0.04 -11.10 -12.31
CH3 ACE A 1 -0.53 -12.99 -10.92
H1 ACE A 1 0.08 -13.91 -10.99
H2 ACE A 1 -0.90 -12.88 -9.90
H3 ACE A 1 -1.40 -13.10 -11.59
N ASN A 2 1.40 -11.38 -10.65
CA ASN A 2 1.96 -12.08 -9.47
C ASN A 2 1.27 -11.54 -8.17
N GLU A 3 0.69 -12.47 -7.39
CA GLU A 3 -0.04 -12.17 -6.12
C GLU A 3 0.71 -11.35 -5.03
N VAL A 4 2.02 -11.60 -4.83
CA VAL A 4 2.88 -10.86 -3.87
C VAL A 4 3.10 -9.39 -4.35
N SER A 5 3.60 -9.21 -5.59
CA SER A 5 3.82 -7.88 -6.21
C SER A 5 2.57 -6.93 -6.22
N GLU A 6 1.40 -7.43 -6.66
CA GLU A 6 0.13 -6.65 -6.68
C GLU A 6 -0.39 -6.16 -5.30
N ARG A 7 -0.41 -7.05 -4.27
CA ARG A 7 -0.84 -6.70 -2.89
C ARG A 7 0.13 -5.73 -2.14
N VAL A 8 1.47 -5.90 -2.24
CA VAL A 8 2.47 -4.98 -1.60
C VAL A 8 2.30 -3.51 -2.11
N HIS A 9 2.14 -3.30 -3.44
CA HIS A 9 1.90 -1.98 -4.07
C HIS A 9 0.64 -1.24 -3.52
N VAL A 10 -0.52 -1.93 -3.50
CA VAL A 10 -1.80 -1.35 -3.00
C VAL A 10 -1.81 -1.05 -1.46
N TYR A 11 -1.12 -1.87 -0.63
CA TYR A 11 -1.00 -1.65 0.85
C TYR A 11 -0.17 -0.37 1.21
N HIS A 12 0.99 -0.13 0.53
CA HIS A 12 1.83 1.08 0.75
C HIS A 12 1.15 2.43 0.36
N ILE A 13 0.30 2.47 -0.70
CA ILE A 13 -0.44 3.71 -1.13
C ILE A 13 -1.42 4.16 0.02
N LEU A 14 -2.26 3.24 0.56
CA LEU A 14 -3.19 3.54 1.68
C LEU A 14 -2.43 3.85 3.02
N LYS A 15 -1.35 3.10 3.39
CA LYS A 15 -0.56 3.37 4.63
C LYS A 15 0.07 4.79 4.74
N HIS A 16 0.66 5.30 3.64
CA HIS A 16 1.26 6.68 3.59
C HIS A 16 0.22 7.84 3.78
N ILE A 17 -0.96 7.73 3.16
CA ILE A 17 -2.06 8.74 3.27
C ILE A 17 -2.67 8.76 4.71
N LYS A 18 -3.11 7.62 5.28
CA LYS A 18 -3.70 7.55 6.65
C LYS A 18 -2.74 7.88 7.83
N ASP A 19 -1.49 7.36 7.82
CA ASP A 19 -0.48 7.62 8.88
C ASP A 19 0.09 9.07 8.86
N GLY A 20 0.49 9.60 7.69
CA GLY A 20 1.00 10.98 7.55
C GLY A 20 -0.07 12.09 7.73
N LYS A 21 -1.03 12.17 6.80
CA LYS A 21 -2.15 13.17 6.87
C LYS A 21 -3.26 12.69 7.85
N NH2 A 22 -4.03 11.64 7.56
HN1 NH2 A 22 -4.74 11.39 8.25
HN2 NH2 A 22 -3.86 11.18 6.66
C ACE A 1 3.06 -11.32 -10.24
O ACE A 1 2.33 -10.33 -10.33
CH3 ACE A 1 4.58 -11.19 -10.37
H1 ACE A 1 4.86 -10.16 -10.71
H2 ACE A 1 5.09 -11.37 -9.41
H3 ACE A 1 4.99 -11.89 -11.12
N ASN A 2 2.61 -12.56 -10.00
CA ASN A 2 1.17 -12.88 -9.84
C ASN A 2 0.78 -12.82 -8.33
N GLU A 3 -0.25 -12.00 -8.03
CA GLU A 3 -0.83 -11.81 -6.67
C GLU A 3 0.03 -11.01 -5.65
N VAL A 4 1.36 -11.24 -5.61
CA VAL A 4 2.32 -10.52 -4.73
C VAL A 4 2.51 -9.05 -5.18
N SER A 5 2.89 -8.81 -6.45
CA SER A 5 3.08 -7.43 -7.01
C SER A 5 1.85 -6.49 -6.84
N GLU A 6 0.64 -6.97 -7.20
CA GLU A 6 -0.63 -6.20 -7.05
C GLU A 6 -1.00 -5.80 -5.59
N ARG A 7 -0.93 -6.74 -4.63
CA ARG A 7 -1.21 -6.45 -3.19
C ARG A 7 -0.16 -5.53 -2.50
N VAL A 8 1.17 -5.71 -2.73
CA VAL A 8 2.24 -4.83 -2.15
C VAL A 8 2.00 -3.31 -2.50
N HIS A 9 1.67 -2.99 -3.77
CA HIS A 9 1.36 -1.62 -4.24
C HIS A 9 0.18 -0.96 -3.45
N VAL A 10 -0.98 -1.65 -3.38
CA VAL A 10 -2.18 -1.15 -2.66
C VAL A 10 -2.01 -1.02 -1.10
N TYR A 11 -1.23 -1.92 -0.45
CA TYR A 11 -0.95 -1.88 1.01
C TYR A 11 -0.08 -0.64 1.41
N HIS A 12 1.01 -0.31 0.66
CA HIS A 12 1.87 0.87 0.91
C HIS A 12 1.13 2.25 0.76
N ILE A 13 0.15 2.38 -0.17
CA ILE A 13 -0.66 3.63 -0.37
C ILE A 13 -1.44 3.98 0.96
N LEU A 14 -2.10 3.00 1.62
CA LEU A 14 -2.81 3.20 2.91
C LEU A 14 -1.84 3.60 4.08
N LYS A 15 -0.59 3.08 4.15
CA LYS A 15 0.41 3.45 5.20
C LYS A 15 0.76 4.97 5.24
N HIS A 16 1.08 5.57 4.08
CA HIS A 16 1.39 7.02 3.94
C HIS A 16 0.18 7.98 4.18
N ILE A 17 -1.04 7.62 3.73
CA ILE A 17 -2.26 8.47 3.90
C ILE A 17 -2.77 8.42 5.39
N LYS A 18 -3.11 7.23 5.95
CA LYS A 18 -3.61 7.09 7.35
C LYS A 18 -2.65 7.63 8.45
N ASP A 19 -1.37 7.19 8.49
CA ASP A 19 -0.37 7.68 9.46
C ASP A 19 0.11 9.16 9.19
N GLY A 20 0.44 9.50 7.93
CA GLY A 20 0.89 10.86 7.56
C GLY A 20 -0.23 11.90 7.40
N LYS A 21 -0.90 11.93 6.23
CA LYS A 21 -2.01 12.88 5.96
C LYS A 21 -2.88 12.37 4.77
N NH2 A 22 -2.38 12.30 3.53
HN1 NH2 A 22 -3.01 11.96 2.80
HN2 NH2 A 22 -1.40 12.60 3.42
C ACE A 1 0.11 -12.07 -11.35
O ACE A 1 -0.63 -12.97 -10.92
CH3 ACE A 1 -0.24 -11.33 -12.63
H1 ACE A 1 -0.39 -10.26 -12.45
H2 ACE A 1 -1.17 -11.73 -13.08
H3 ACE A 1 0.56 -11.44 -13.40
N ASN A 2 1.24 -11.67 -10.74
CA ASN A 2 1.73 -12.27 -9.46
C ASN A 2 1.02 -11.58 -8.26
N GLU A 3 0.29 -12.39 -7.47
CA GLU A 3 -0.46 -11.93 -6.27
C GLU A 3 0.33 -11.15 -5.17
N VAL A 4 1.59 -11.54 -4.90
CA VAL A 4 2.48 -10.87 -3.92
C VAL A 4 2.85 -9.43 -4.39
N SER A 5 3.40 -9.30 -5.63
CA SER A 5 3.77 -7.97 -6.21
C SER A 5 2.60 -6.93 -6.27
N GLU A 6 1.42 -7.33 -6.78
CA GLU A 6 0.22 -6.45 -6.87
C GLU A 6 -0.35 -5.94 -5.51
N ARG A 7 -0.53 -6.84 -4.52
CA ARG A 7 -1.05 -6.50 -3.18
C ARG A 7 -0.07 -5.65 -2.29
N VAL A 8 1.25 -5.93 -2.29
CA VAL A 8 2.26 -5.13 -1.51
C VAL A 8 2.25 -3.62 -1.99
N HIS A 9 2.23 -3.37 -3.33
CA HIS A 9 2.16 -2.02 -3.93
C HIS A 9 0.95 -1.17 -3.43
N VAL A 10 -0.27 -1.75 -3.48
CA VAL A 10 -1.53 -1.08 -3.03
C VAL A 10 -1.59 -0.85 -1.48
N TYR A 11 -1.02 -1.75 -0.65
CA TYR A 11 -0.98 -1.60 0.84
C TYR A 11 -0.02 -0.46 1.31
N HIS A 12 1.19 -0.32 0.73
CA HIS A 12 2.15 0.77 1.06
C HIS A 12 1.65 2.21 0.72
N ILE A 13 0.96 2.42 -0.42
CA ILE A 13 0.38 3.75 -0.81
C ILE A 13 -0.71 4.16 0.24
N LEU A 14 -1.67 3.26 0.58
CA LEU A 14 -2.71 3.51 1.61
C LEU A 14 -2.15 3.72 3.05
N LYS A 15 -1.12 2.95 3.49
CA LYS A 15 -0.47 3.10 4.83
C LYS A 15 0.17 4.50 5.08
N HIS A 16 1.01 4.98 4.13
CA HIS A 16 1.66 6.32 4.21
C HIS A 16 0.68 7.53 4.21
N ILE A 17 -0.34 7.54 3.33
CA ILE A 17 -1.38 8.61 3.25
C ILE A 17 -2.25 8.66 4.56
N LYS A 18 -2.74 7.51 5.07
CA LYS A 18 -3.55 7.43 6.34
C LYS A 18 -2.80 7.94 7.60
N ASP A 19 -1.56 7.49 7.88
CA ASP A 19 -0.76 7.97 9.05
C ASP A 19 -0.31 9.46 9.00
N GLY A 20 0.01 10.03 7.82
CA GLY A 20 0.40 11.44 7.67
C GLY A 20 -0.80 12.41 7.70
N LYS A 21 -1.58 12.44 6.60
CA LYS A 21 -2.80 13.29 6.49
C LYS A 21 -4.01 12.64 7.22
N NH2 A 22 -4.58 11.53 6.75
HN1 NH2 A 22 -5.36 11.15 7.28
HN2 NH2 A 22 -4.17 11.13 5.88
C ACE A 1 0.44 -11.69 -11.40
O ACE A 1 0.23 -10.99 -12.39
CH3 ACE A 1 -0.55 -12.80 -11.04
H1 ACE A 1 -0.07 -13.79 -11.09
H2 ACE A 1 -0.94 -12.67 -10.01
H3 ACE A 1 -1.41 -12.79 -11.72
N ASN A 2 1.55 -11.44 -10.67
CA ASN A 2 1.96 -12.19 -9.44
C ASN A 2 1.24 -11.61 -8.19
N GLU A 3 0.65 -12.50 -7.38
CA GLU A 3 -0.08 -12.15 -6.13
C GLU A 3 0.67 -11.32 -5.05
N VAL A 4 1.97 -11.58 -4.84
CA VAL A 4 2.82 -10.84 -3.87
C VAL A 4 3.05 -9.38 -4.36
N SER A 5 3.56 -9.20 -5.60
CA SER A 5 3.78 -7.85 -6.21
C SER A 5 2.54 -6.90 -6.23
N GLU A 6 1.36 -7.41 -6.68
CA GLU A 6 0.09 -6.63 -6.72
C GLU A 6 -0.43 -6.14 -5.33
N ARG A 7 -0.45 -7.01 -4.30
CA ARG A 7 -0.89 -6.66 -2.92
C ARG A 7 0.09 -5.69 -2.17
N VAL A 8 1.42 -5.85 -2.27
CA VAL A 8 2.43 -4.94 -1.63
C VAL A 8 2.24 -3.45 -2.13
N HIS A 9 2.07 -3.25 -3.46
CA HIS A 9 1.81 -1.92 -4.09
C HIS A 9 0.58 -1.18 -3.50
N VAL A 10 -0.59 -1.87 -3.44
CA VAL A 10 -1.85 -1.30 -2.90
C VAL A 10 -1.81 -1.01 -1.35
N TYR A 11 -1.09 -1.84 -0.55
CA TYR A 11 -0.93 -1.63 0.92
C TYR A 11 -0.07 -0.38 1.27
N HIS A 12 1.07 -0.14 0.58
CA HIS A 12 1.94 1.06 0.80
C HIS A 12 1.26 2.42 0.45
N ILE A 13 0.45 2.51 -0.64
CA ILE A 13 -0.29 3.75 -1.02
C ILE A 13 -1.32 4.12 0.13
N LEU A 14 -2.14 3.15 0.59
CA LEU A 14 -3.11 3.34 1.70
C LEU A 14 -2.41 3.68 3.06
N LYS A 15 -1.30 2.99 3.46
CA LYS A 15 -0.55 3.27 4.71
C LYS A 15 0.01 4.72 4.82
N HIS A 16 0.69 5.21 3.75
CA HIS A 16 1.25 6.59 3.68
C HIS A 16 0.18 7.74 3.81
N ILE A 17 -1.01 7.59 3.21
CA ILE A 17 -2.11 8.61 3.27
C ILE A 17 -2.72 8.69 4.72
N LYS A 18 -3.16 7.58 5.34
CA LYS A 18 -3.72 7.57 6.72
C LYS A 18 -2.71 7.90 7.88
N ASP A 19 -1.47 7.38 7.82
CA ASP A 19 -0.40 7.66 8.83
C ASP A 19 0.14 9.13 8.77
N GLY A 20 0.51 9.64 7.59
CA GLY A 20 0.99 11.03 7.42
C GLY A 20 -0.10 12.11 7.56
N LYS A 21 -1.06 12.16 6.63
CA LYS A 21 -2.18 13.14 6.66
C LYS A 21 -3.27 12.73 7.69
N NH2 A 22 -4.03 11.64 7.50
HN1 NH2 A 22 -4.72 11.42 8.22
HN2 NH2 A 22 -3.84 11.11 6.65
C ACE A 1 0.18 -11.58 -11.48
O ACE A 1 -0.13 -10.88 -12.44
CH3 ACE A 1 -0.70 -12.79 -11.12
H1 ACE A 1 -0.13 -13.73 -11.23
H2 ACE A 1 -1.07 -12.72 -10.09
H3 ACE A 1 -1.58 -12.85 -11.79
N ASN A 2 1.27 -11.25 -10.78
CA ASN A 2 1.80 -12.00 -9.59
C ASN A 2 1.12 -11.45 -8.30
N GLU A 3 0.50 -12.36 -7.52
CA GLU A 3 -0.21 -12.04 -6.25
C GLU A 3 0.59 -11.23 -5.18
N VAL A 4 1.87 -11.57 -4.96
CA VAL A 4 2.77 -10.87 -4.00
C VAL A 4 3.05 -9.40 -4.47
N SER A 5 3.54 -9.23 -5.71
CA SER A 5 3.81 -7.88 -6.31
C SER A 5 2.59 -6.90 -6.31
N GLU A 6 1.40 -7.36 -6.78
CA GLU A 6 0.15 -6.54 -6.81
C GLU A 6 -0.38 -6.07 -5.41
N ARG A 7 -0.46 -6.98 -4.41
CA ARG A 7 -0.92 -6.67 -3.04
C ARG A 7 0.05 -5.77 -2.22
N VAL A 8 1.38 -5.97 -2.27
CA VAL A 8 2.39 -5.11 -1.55
C VAL A 8 2.27 -3.61 -2.01
N HIS A 9 2.16 -3.36 -3.35
CA HIS A 9 1.98 -2.01 -3.94
C HIS A 9 0.75 -1.24 -3.38
N VAL A 10 -0.44 -1.88 -3.38
CA VAL A 10 -1.70 -1.28 -2.86
C VAL A 10 -1.70 -1.06 -1.29
N TYR A 11 -1.02 -1.92 -0.51
CA TYR A 11 -0.90 -1.80 0.97
C TYR A 11 -0.02 -0.58 1.40
N HIS A 12 1.13 -0.33 0.74
CA HIS A 12 2.03 0.82 1.02
C HIS A 12 1.40 2.21 0.68
N ILE A 13 0.63 2.35 -0.42
CA ILE A 13 -0.07 3.63 -0.80
C ILE A 13 -1.11 4.00 0.32
N LEU A 14 -1.96 3.03 0.77
CA LEU A 14 -2.94 3.24 1.88
C LEU A 14 -2.26 3.61 3.23
N LYS A 15 -1.18 2.90 3.65
CA LYS A 15 -0.43 3.20 4.92
C LYS A 15 0.18 4.64 5.01
N HIS A 16 0.80 5.13 3.91
CA HIS A 16 1.38 6.50 3.83
C HIS A 16 0.32 7.66 3.91
N ILE A 17 -0.83 7.53 3.23
CA ILE A 17 -1.91 8.55 3.23
C ILE A 17 -2.61 8.67 4.63
N LYS A 18 -3.11 7.57 5.24
CA LYS A 18 -3.75 7.60 6.58
C LYS A 18 -2.83 8.01 7.78
N ASP A 19 -1.56 7.57 7.82
CA ASP A 19 -0.59 7.94 8.89
C ASP A 19 -0.11 9.43 8.81
N GLY A 20 0.35 9.90 7.63
CA GLY A 20 0.78 11.30 7.44
C GLY A 20 -0.36 12.34 7.44
N LYS A 21 -1.23 12.31 6.42
CA LYS A 21 -2.39 13.23 6.32
C LYS A 21 -3.55 12.84 7.30
N NH2 A 22 -4.21 11.70 7.15
HN1 NH2 A 22 -4.95 11.51 7.84
HN2 NH2 A 22 -3.93 11.10 6.36
C ACE A 1 0.08 -11.84 -11.24
O ACE A 1 -0.61 -12.80 -10.84
CH3 ACE A 1 -0.37 -11.02 -12.45
H1 ACE A 1 -1.30 -11.42 -12.87
H2 ACE A 1 -0.55 -9.97 -12.17
H3 ACE A 1 0.39 -11.05 -13.25
N ASN A 2 1.22 -11.45 -10.66
CA ASN A 2 1.81 -12.12 -9.46
C ASN A 2 1.15 -11.54 -8.19
N GLU A 3 0.51 -12.42 -7.39
CA GLU A 3 -0.19 -12.07 -6.12
C GLU A 3 0.61 -11.24 -5.06
N VAL A 4 1.89 -11.56 -4.83
CA VAL A 4 2.77 -10.82 -3.89
C VAL A 4 3.05 -9.38 -4.39
N SER A 5 3.54 -9.24 -5.65
CA SER A 5 3.80 -7.91 -6.29
C SER A 5 2.58 -6.93 -6.29
N GLU A 6 1.40 -7.39 -6.75
CA GLU A 6 0.15 -6.58 -6.80
C GLU A 6 -0.37 -6.08 -5.42
N ARG A 7 -0.45 -6.96 -4.41
CA ARG A 7 -0.93 -6.62 -3.04
C ARG A 7 0.04 -5.70 -2.23
N VAL A 8 1.38 -5.91 -2.27
CA VAL A 8 2.38 -5.03 -1.57
C VAL A 8 2.26 -3.55 -2.07
N HIS A 9 2.15 -3.32 -3.40
CA HIS A 9 1.99 -1.99 -4.03
C HIS A 9 0.75 -1.20 -3.49
N VAL A 10 -0.44 -1.84 -3.47
CA VAL A 10 -1.69 -1.23 -2.97
C VAL A 10 -1.69 -0.98 -1.42
N TYR A 11 -1.04 -1.83 -0.60
CA TYR A 11 -0.94 -1.66 0.88
C TYR A 11 -0.02 -0.45 1.28
N HIS A 12 1.15 -0.25 0.63
CA HIS A 12 2.07 0.89 0.90
C HIS A 12 1.47 2.29 0.55
N ILE A 13 0.71 2.43 -0.56
CA ILE A 13 0.04 3.72 -0.95
C ILE A 13 -1.01 4.11 0.15
N LEU A 14 -1.90 3.16 0.57
CA LEU A 14 -2.90 3.39 1.64
C LEU A 14 -2.25 3.69 3.03
N LYS A 15 -1.20 2.94 3.47
CA LYS A 15 -0.47 3.17 4.75
C LYS A 15 0.12 4.60 4.93
N HIS A 16 0.79 5.13 3.89
CA HIS A 16 1.38 6.52 3.90
C HIS A 16 0.32 7.67 3.97
N ILE A 17 -0.82 7.54 3.26
CA ILE A 17 -1.90 8.58 3.25
C ILE A 17 -2.61 8.69 4.64
N LYS A 18 -3.14 7.58 5.23
CA LYS A 18 -3.78 7.61 6.57
C LYS A 18 -2.85 7.96 7.78
N ASP A 19 -1.58 7.48 7.81
CA ASP A 19 -0.61 7.80 8.89
C ASP A 19 -0.12 9.28 8.87
N GLY A 20 0.35 9.80 7.71
CA GLY A 20 0.79 11.21 7.58
C GLY A 20 -0.35 12.26 7.63
N LYS A 21 -1.23 12.27 6.61
CA LYS A 21 -2.39 13.19 6.54
C LYS A 21 -3.55 12.74 7.48
N NH2 A 22 -4.23 11.62 7.23
HN1 NH2 A 22 -4.97 11.39 7.91
HN2 NH2 A 22 -3.95 11.09 6.41
C ACE A 1 0.12 -11.20 -11.21
O ACE A 1 -0.88 -11.87 -10.95
CH3 ACE A 1 0.10 -10.19 -12.36
H1 ACE A 1 0.85 -10.44 -13.13
H2 ACE A 1 -0.89 -10.17 -12.86
H3 ACE A 1 0.30 -9.17 -11.99
N ASN A 2 1.28 -11.30 -10.55
CA ASN A 2 1.49 -12.23 -9.40
C ASN A 2 0.97 -11.62 -8.06
N GLU A 3 0.38 -12.47 -7.21
CA GLU A 3 -0.19 -12.10 -5.88
C GLU A 3 0.67 -11.24 -4.91
N VAL A 4 1.98 -11.52 -4.80
CA VAL A 4 2.94 -10.75 -3.95
C VAL A 4 3.13 -9.30 -4.49
N SER A 5 3.49 -9.15 -5.78
CA SER A 5 3.66 -7.82 -6.44
C SER A 5 2.42 -6.88 -6.34
N GLU A 6 1.22 -7.38 -6.71
CA GLU A 6 -0.06 -6.61 -6.66
C GLU A 6 -0.49 -6.11 -5.24
N ARG A 7 -0.46 -7.01 -4.23
CA ARG A 7 -0.83 -6.67 -2.83
C ARG A 7 0.16 -5.72 -2.09
N VAL A 8 1.50 -5.87 -2.24
CA VAL A 8 2.51 -4.97 -1.62
C VAL A 8 2.32 -3.49 -2.11
N HIS A 9 2.11 -3.28 -3.44
CA HIS A 9 1.85 -1.95 -4.05
C HIS A 9 0.62 -1.20 -3.45
N VAL A 10 -0.53 -1.90 -3.36
CA VAL A 10 -1.78 -1.34 -2.77
C VAL A 10 -1.70 -1.05 -1.22
N TYR A 11 -0.95 -1.88 -0.45
CA TYR A 11 -0.74 -1.69 1.01
C TYR A 11 0.12 -0.43 1.35
N HIS A 12 1.25 -0.19 0.63
CA HIS A 12 2.12 1.01 0.84
C HIS A 12 1.44 2.37 0.50
N ILE A 13 0.61 2.46 -0.57
CA ILE A 13 -0.13 3.72 -0.94
C ILE A 13 -1.14 4.08 0.22
N LEU A 14 -1.96 3.12 0.69
CA LEU A 14 -2.91 3.31 1.81
C LEU A 14 -2.21 3.62 3.19
N LYS A 15 -1.09 2.93 3.54
CA LYS A 15 -0.33 3.19 4.80
C LYS A 15 0.28 4.62 4.94
N HIS A 16 0.91 5.13 3.86
CA HIS A 16 1.51 6.50 3.83
C HIS A 16 0.46 7.67 3.89
N ILE A 17 -0.64 7.58 3.12
CA ILE A 17 -1.71 8.62 3.08
C ILE A 17 -2.52 8.67 4.43
N LYS A 18 -3.05 7.52 4.93
CA LYS A 18 -3.84 7.47 6.20
C LYS A 18 -3.03 7.85 7.48
N ASP A 19 -1.84 7.27 7.72
CA ASP A 19 -0.97 7.59 8.89
C ASP A 19 -0.38 9.04 8.87
N GLY A 20 0.19 9.49 7.73
CA GLY A 20 0.75 10.86 7.59
C GLY A 20 -0.30 11.99 7.59
N LYS A 21 -1.11 12.09 6.52
CA LYS A 21 -2.18 13.12 6.39
C LYS A 21 -3.44 12.75 7.22
N NH2 A 22 -4.21 11.72 6.90
HN1 NH2 A 22 -5.01 11.54 7.50
HN2 NH2 A 22 -3.93 11.19 6.06
C ACE A 1 1.74 -10.24 -11.09
O ACE A 1 0.54 -10.38 -11.37
CH3 ACE A 1 2.56 -9.15 -11.74
H1 ACE A 1 2.96 -8.43 -10.99
H2 ACE A 1 3.43 -9.56 -12.29
H3 ACE A 1 1.96 -8.56 -12.46
N ASN A 2 2.39 -11.02 -10.21
CA ASN A 2 1.73 -12.15 -9.47
C ASN A 2 0.96 -11.67 -8.19
N GLU A 3 0.44 -12.63 -7.41
CA GLU A 3 -0.30 -12.36 -6.14
C GLU A 3 0.47 -11.52 -5.06
N VAL A 4 1.78 -11.75 -4.90
CA VAL A 4 2.67 -10.99 -3.97
C VAL A 4 2.83 -9.51 -4.46
N SER A 5 3.29 -9.32 -5.71
CA SER A 5 3.44 -7.98 -6.35
C SER A 5 2.18 -7.07 -6.30
N GLU A 6 0.99 -7.60 -6.68
CA GLU A 6 -0.31 -6.84 -6.64
C GLU A 6 -0.74 -6.34 -5.22
N ARG A 7 -0.67 -7.21 -4.19
CA ARG A 7 -1.01 -6.85 -2.78
C ARG A 7 -0.01 -5.86 -2.11
N VAL A 8 1.32 -5.99 -2.30
CA VAL A 8 2.34 -5.06 -1.74
C VAL A 8 2.09 -3.58 -2.24
N HIS A 9 1.82 -3.38 -3.55
CA HIS A 9 1.50 -2.07 -4.16
C HIS A 9 0.29 -1.34 -3.49
N VAL A 10 -0.85 -2.05 -3.34
CA VAL A 10 -2.08 -1.52 -2.70
C VAL A 10 -1.93 -1.22 -1.17
N TYR A 11 -1.12 -2.02 -0.42
CA TYR A 11 -0.85 -1.82 1.03
C TYR A 11 0.01 -0.55 1.30
N HIS A 12 1.12 -0.31 0.56
CA HIS A 12 1.98 0.90 0.70
C HIS A 12 1.26 2.25 0.39
N ILE A 13 0.36 2.32 -0.61
CA ILE A 13 -0.43 3.55 -0.94
C ILE A 13 -1.35 3.92 0.29
N LEU A 14 -2.11 2.94 0.84
CA LEU A 14 -2.99 3.15 2.02
C LEU A 14 -2.18 3.53 3.32
N LYS A 15 -1.05 2.85 3.64
CA LYS A 15 -0.19 3.18 4.82
C LYS A 15 0.39 4.63 4.84
N HIS A 16 0.86 5.13 3.68
CA HIS A 16 1.40 6.52 3.53
C HIS A 16 0.33 7.63 3.72
N ILE A 17 -0.87 7.47 3.14
CA ILE A 17 -2.00 8.44 3.27
C ILE A 17 -2.52 8.53 4.75
N LYS A 18 -2.84 7.39 5.43
CA LYS A 18 -3.29 7.40 6.85
C LYS A 18 -2.28 7.96 7.90
N ASP A 19 -0.96 7.69 7.74
CA ASP A 19 0.11 8.21 8.64
C ASP A 19 0.34 9.75 8.52
N GLY A 20 0.53 10.29 7.29
CA GLY A 20 0.71 11.74 7.07
C GLY A 20 -0.57 12.59 7.26
N LYS A 21 -1.56 12.42 6.36
CA LYS A 21 -2.87 13.14 6.45
C LYS A 21 -3.80 12.51 7.53
N NH2 A 22 -4.31 11.29 7.36
HN1 NH2 A 22 -4.92 10.94 8.12
HN2 NH2 A 22 -4.06 10.80 6.50
C ACE A 1 -0.17 -11.51 -11.26
O ACE A 1 -0.63 -12.56 -10.83
CH3 ACE A 1 -0.90 -10.73 -12.34
H1 ACE A 1 -1.83 -11.24 -12.66
H2 ACE A 1 -1.20 -9.72 -11.98
H3 ACE A 1 -0.27 -10.60 -13.24
N ASN A 2 0.98 -10.96 -10.81
CA ASN A 2 1.81 -11.58 -9.75
C ASN A 2 1.26 -11.17 -8.35
N GLU A 3 0.86 -12.18 -7.55
CA GLU A 3 0.30 -11.99 -6.18
C GLU A 3 1.10 -11.11 -5.18
N VAL A 4 2.44 -11.25 -5.14
CA VAL A 4 3.33 -10.45 -4.26
C VAL A 4 3.35 -8.95 -4.72
N SER A 5 3.67 -8.70 -6.00
CA SER A 5 3.69 -7.33 -6.59
C SER A 5 2.37 -6.51 -6.42
N GLU A 6 1.20 -7.12 -6.75
CA GLU A 6 -0.14 -6.47 -6.59
C GLU A 6 -0.53 -6.07 -5.13
N ARG A 7 -0.31 -6.96 -4.14
CA ARG A 7 -0.60 -6.67 -2.71
C ARG A 7 0.36 -5.62 -2.05
N VAL A 8 1.68 -5.66 -2.32
CA VAL A 8 2.67 -4.67 -1.79
C VAL A 8 2.28 -3.20 -2.23
N HIS A 9 1.92 -2.99 -3.52
CA HIS A 9 1.48 -1.69 -4.07
C HIS A 9 0.26 -1.08 -3.31
N VAL A 10 -0.83 -1.88 -3.16
CA VAL A 10 -2.07 -1.45 -2.45
C VAL A 10 -1.88 -1.18 -0.92
N TYR A 11 -1.00 -1.95 -0.21
CA TYR A 11 -0.69 -1.74 1.23
C TYR A 11 0.07 -0.40 1.51
N HIS A 12 1.08 -0.03 0.69
CA HIS A 12 1.84 1.24 0.83
C HIS A 12 1.00 2.54 0.58
N ILE A 13 0.00 2.52 -0.34
CA ILE A 13 -0.90 3.70 -0.60
C ILE A 13 -1.74 4.02 0.69
N LEU A 14 -2.43 3.02 1.29
CA LEU A 14 -3.20 3.21 2.55
C LEU A 14 -2.30 3.51 3.80
N LYS A 15 -1.12 2.87 3.95
CA LYS A 15 -0.18 3.14 5.09
C LYS A 15 0.35 4.61 5.17
N HIS A 16 0.81 5.17 4.04
CA HIS A 16 1.31 6.57 3.95
C HIS A 16 0.21 7.68 4.10
N ILE A 17 -1.00 7.48 3.54
CA ILE A 17 -2.11 8.47 3.62
C ILE A 17 -2.77 8.46 5.04
N LYS A 18 -3.31 7.32 5.53
CA LYS A 18 -3.96 7.22 6.87
C LYS A 18 -3.05 7.62 8.08
N ASP A 19 -1.85 7.02 8.22
CA ASP A 19 -0.91 7.36 9.31
C ASP A 19 -0.23 8.76 9.12
N GLY A 20 0.27 9.08 7.91
CA GLY A 20 0.93 10.38 7.62
C GLY A 20 -0.03 11.56 7.39
N LYS A 21 -0.57 11.69 6.16
CA LYS A 21 -1.52 12.79 5.81
C LYS A 21 -2.34 12.41 4.54
N NH2 A 22 -1.75 12.30 3.36
HN1 NH2 A 22 -2.35 12.04 2.56
HN2 NH2 A 22 -0.74 12.48 3.34
C ACE A 1 0.80 -11.89 -12.24
O ACE A 1 0.25 -11.20 -13.09
CH3 ACE A 1 1.19 -13.32 -12.57
H1 ACE A 1 1.00 -13.54 -13.64
H2 ACE A 1 0.59 -14.04 -11.98
H3 ACE A 1 2.25 -13.50 -12.38
N ASN A 2 1.02 -11.33 -11.03
CA ASN A 2 1.66 -12.02 -9.88
C ASN A 2 0.97 -11.50 -8.59
N GLU A 3 0.36 -12.43 -7.82
CA GLU A 3 -0.35 -12.13 -6.55
C GLU A 3 0.43 -11.36 -5.44
N VAL A 4 1.72 -11.67 -5.23
CA VAL A 4 2.60 -10.98 -4.25
C VAL A 4 2.86 -9.51 -4.69
N SER A 5 3.35 -9.29 -5.92
CA SER A 5 3.61 -7.93 -6.49
C SER A 5 2.39 -6.94 -6.43
N GLU A 6 1.20 -7.39 -6.88
CA GLU A 6 -0.06 -6.57 -6.83
C GLU A 6 -0.52 -6.13 -5.41
N ARG A 7 -0.50 -7.04 -4.41
CA ARG A 7 -0.87 -6.72 -3.01
C ARG A 7 0.16 -5.82 -2.27
N VAL A 8 1.49 -6.03 -2.40
CA VAL A 8 2.55 -5.17 -1.78
C VAL A 8 2.38 -3.66 -2.17
N HIS A 9 2.14 -3.35 -3.47
CA HIS A 9 1.91 -1.99 -3.98
C HIS A 9 0.69 -1.29 -3.31
N VAL A 10 -0.50 -1.94 -3.32
CA VAL A 10 -1.74 -1.40 -2.71
C VAL A 10 -1.70 -1.24 -1.15
N TYR A 11 -0.99 -2.14 -0.43
CA TYR A 11 -0.83 -2.08 1.06
C TYR A 11 0.03 -0.85 1.51
N HIS A 12 1.16 -0.56 0.84
CA HIS A 12 2.03 0.62 1.14
C HIS A 12 1.33 2.00 0.89
N ILE A 13 0.47 2.14 -0.15
CA ILE A 13 -0.31 3.39 -0.44
C ILE A 13 -1.22 3.76 0.79
N LEU A 14 -1.94 2.78 1.38
CA LEU A 14 -2.80 2.97 2.58
C LEU A 14 -1.98 3.49 3.82
N LYS A 15 -0.78 2.92 4.11
CA LYS A 15 0.12 3.35 5.22
C LYS A 15 0.47 4.87 5.22
N HIS A 16 0.87 5.42 4.05
CA HIS A 16 1.20 6.86 3.88
C HIS A 16 -0.01 7.83 4.09
N ILE A 17 -1.23 7.46 3.61
CA ILE A 17 -2.46 8.28 3.75
C ILE A 17 -2.92 8.38 5.26
N LYS A 18 -3.09 7.25 5.98
CA LYS A 18 -3.49 7.25 7.42
C LYS A 18 -2.45 7.89 8.40
N ASP A 19 -1.13 7.65 8.22
CA ASP A 19 -0.06 8.24 9.08
C ASP A 19 0.10 9.78 8.86
N GLY A 20 0.22 10.26 7.60
CA GLY A 20 0.35 11.70 7.28
C GLY A 20 -0.95 12.51 7.47
N LYS A 21 -1.97 12.23 6.62
CA LYS A 21 -3.32 12.93 6.64
C LYS A 21 -3.28 14.22 5.77
N NH2 A 22 -2.49 15.23 6.10
HN1 NH2 A 22 -2.46 16.04 5.47
HN2 NH2 A 22 -1.81 15.02 6.85
C ACE A 1 0.28 -11.23 -11.83
O ACE A 1 -0.47 -12.18 -11.60
CH3 ACE A 1 -0.02 -10.27 -12.98
H1 ACE A 1 -0.17 -9.23 -12.60
H2 ACE A 1 -0.93 -10.56 -13.51
H3 ACE A 1 0.80 -10.24 -13.70
N ASN A 2 1.39 -10.96 -11.11
CA ASN A 2 1.83 -11.79 -9.96
C ASN A 2 1.07 -11.32 -8.67
N GLU A 3 0.32 -12.24 -8.05
CA GLU A 3 -0.48 -11.99 -6.82
C GLU A 3 0.24 -11.34 -5.60
N VAL A 4 1.49 -11.77 -5.30
CA VAL A 4 2.31 -11.20 -4.20
C VAL A 4 2.72 -9.73 -4.52
N SER A 5 3.36 -9.51 -5.69
CA SER A 5 3.78 -8.15 -6.15
C SER A 5 2.64 -7.08 -6.19
N GLU A 6 1.48 -7.41 -6.79
CA GLU A 6 0.29 -6.50 -6.86
C GLU A 6 -0.31 -6.07 -5.48
N ARG A 7 -0.51 -7.02 -4.55
CA ARG A 7 -1.04 -6.73 -3.19
C ARG A 7 -0.05 -5.95 -2.27
N VAL A 8 1.27 -6.26 -2.25
CA VAL A 8 2.28 -5.51 -1.44
C VAL A 8 2.31 -3.98 -1.83
N HIS A 9 2.30 -3.66 -3.16
CA HIS A 9 2.27 -2.28 -3.68
C HIS A 9 1.04 -1.46 -3.17
N VAL A 10 -0.18 -2.01 -3.33
CA VAL A 10 -1.44 -1.35 -2.88
C VAL A 10 -1.56 -1.17 -1.33
N TYR A 11 -1.03 -2.11 -0.51
CA TYR A 11 -1.04 -2.03 0.97
C TYR A 11 -0.10 -0.88 1.52
N HIS A 12 1.12 -0.71 0.98
CA HIS A 12 2.07 0.37 1.37
C HIS A 12 1.53 1.82 1.05
N ILE A 13 0.80 2.03 -0.07
CA ILE A 13 0.19 3.34 -0.45
C ILE A 13 -0.81 3.81 0.68
N LEU A 14 -1.69 2.92 1.18
CA LEU A 14 -2.64 3.21 2.29
C LEU A 14 -1.92 3.65 3.61
N LYS A 15 -0.78 3.02 3.99
CA LYS A 15 0.03 3.38 5.21
C LYS A 15 0.49 4.87 5.23
N HIS A 16 1.12 5.34 4.13
CA HIS A 16 1.59 6.75 3.97
C HIS A 16 0.45 7.82 4.01
N ILE A 17 -0.69 7.57 3.32
CA ILE A 17 -1.87 8.47 3.31
C ILE A 17 -2.52 8.60 4.74
N LYS A 18 -2.73 7.47 5.46
CA LYS A 18 -3.30 7.47 6.84
C LYS A 18 -2.43 8.24 7.90
N ASP A 19 -1.11 8.00 7.97
CA ASP A 19 -0.20 8.72 8.90
C ASP A 19 -0.01 10.26 8.62
N GLY A 20 0.06 10.69 7.35
CA GLY A 20 0.19 12.12 6.97
C GLY A 20 -1.14 12.88 7.03
N LYS A 21 -2.04 12.61 6.07
CA LYS A 21 -3.39 13.24 6.00
C LYS A 21 -4.37 12.67 7.07
N NH2 A 22 -4.79 11.41 6.99
HN1 NH2 A 22 -5.43 11.10 7.73
HN2 NH2 A 22 -4.45 10.86 6.20
C ACE A 1 3.30 -15.01 -9.24
O ACE A 1 4.14 -15.66 -8.63
CH3 ACE A 1 3.66 -14.43 -10.62
H1 ACE A 1 4.67 -14.77 -10.94
H2 ACE A 1 3.67 -13.33 -10.59
H3 ACE A 1 2.94 -14.76 -11.38
N ASN A 2 2.10 -14.82 -8.67
CA ASN A 2 0.97 -14.06 -9.26
C ASN A 2 0.19 -13.29 -8.15
N GLU A 3 -0.33 -12.09 -8.50
CA GLU A 3 -1.14 -11.22 -7.60
C GLU A 3 -0.45 -10.59 -6.32
N VAL A 4 0.76 -11.06 -5.91
CA VAL A 4 1.52 -10.51 -4.75
C VAL A 4 2.06 -9.08 -5.08
N SER A 5 2.77 -8.91 -6.21
CA SER A 5 3.32 -7.59 -6.66
C SER A 5 2.28 -6.43 -6.72
N GLU A 6 1.12 -6.66 -7.38
CA GLU A 6 0.02 -5.67 -7.49
C GLU A 6 -0.62 -5.21 -6.13
N ARG A 7 -0.95 -6.16 -5.23
CA ARG A 7 -1.54 -5.84 -3.89
C ARG A 7 -0.54 -5.15 -2.90
N VAL A 8 0.74 -5.56 -2.81
CA VAL A 8 1.76 -4.92 -1.93
C VAL A 8 1.93 -3.39 -2.29
N HIS A 9 2.03 -3.05 -3.59
CA HIS A 9 2.15 -1.66 -4.10
C HIS A 9 0.98 -0.73 -3.64
N VAL A 10 -0.28 -1.18 -3.83
CA VAL A 10 -1.50 -0.42 -3.42
C VAL A 10 -1.67 -0.28 -1.87
N TYR A 11 -1.25 -1.29 -1.06
CA TYR A 11 -1.32 -1.25 0.43
C TYR A 11 -0.31 -0.22 1.05
N HIS A 12 0.95 -0.15 0.57
CA HIS A 12 1.97 0.82 1.05
C HIS A 12 1.63 2.32 0.76
N ILE A 13 1.07 2.66 -0.43
CA ILE A 13 0.65 4.05 -0.77
C ILE A 13 -0.49 4.51 0.21
N LEU A 14 -1.55 3.69 0.40
CA LEU A 14 -2.66 3.99 1.34
C LEU A 14 -2.20 4.06 2.84
N LYS A 15 -1.32 3.15 3.32
CA LYS A 15 -0.80 3.17 4.72
C LYS A 15 -0.06 4.49 5.12
N HIS A 16 0.87 4.97 4.27
CA HIS A 16 1.62 6.24 4.48
C HIS A 16 0.72 7.53 4.54
N ILE A 17 -0.26 7.65 3.63
CA ILE A 17 -1.21 8.80 3.58
C ILE A 17 -2.11 8.88 4.87
N LYS A 18 -2.77 7.77 5.29
CA LYS A 18 -3.60 7.73 6.53
C LYS A 18 -2.82 7.98 7.86
N ASP A 19 -1.63 7.37 8.08
CA ASP A 19 -0.81 7.60 9.30
C ASP A 19 -0.23 9.05 9.46
N GLY A 20 0.17 9.72 8.36
CA GLY A 20 0.70 11.10 8.40
C GLY A 20 -0.42 12.17 8.46
N LYS A 21 -1.13 12.37 7.32
CA LYS A 21 -2.27 13.32 7.24
C LYS A 21 -3.58 12.70 7.82
N NH2 A 22 -4.20 11.71 7.19
HN1 NH2 A 22 -5.05 11.35 7.64
HN2 NH2 A 22 -3.79 11.39 6.30
C ACE A 1 2.94 -11.34 -11.03
O ACE A 1 4.16 -11.21 -11.19
CH3 ACE A 1 2.00 -10.57 -11.96
H1 ACE A 1 2.56 -10.02 -12.73
H2 ACE A 1 1.39 -9.84 -11.39
H3 ACE A 1 1.30 -11.26 -12.48
N ASN A 2 2.51 -12.15 -10.05
CA ASN A 2 1.09 -12.40 -9.71
C ASN A 2 0.93 -12.60 -8.17
N GLU A 3 -0.18 -12.07 -7.62
CA GLU A 3 -0.58 -12.15 -6.18
C GLU A 3 0.30 -11.30 -5.21
N VAL A 4 1.62 -11.48 -5.26
CA VAL A 4 2.62 -10.73 -4.44
C VAL A 4 2.70 -9.24 -4.94
N SER A 5 2.99 -9.03 -6.23
CA SER A 5 3.06 -7.67 -6.86
C SER A 5 1.79 -6.78 -6.65
N GLU A 6 0.58 -7.34 -6.90
CA GLU A 6 -0.71 -6.62 -6.69
C GLU A 6 -1.02 -6.18 -5.23
N ARG A 7 -0.83 -7.08 -4.24
CA ARG A 7 -1.05 -6.76 -2.79
C ARG A 7 -0.01 -5.76 -2.19
N VAL A 8 1.30 -5.86 -2.51
CA VAL A 8 2.35 -4.92 -2.01
C VAL A 8 2.04 -3.44 -2.46
N HIS A 9 1.66 -3.22 -3.74
CA HIS A 9 1.28 -1.90 -4.30
C HIS A 9 0.10 -1.22 -3.55
N VAL A 10 -1.01 -1.96 -3.33
CA VAL A 10 -2.21 -1.45 -2.61
C VAL A 10 -1.97 -1.18 -1.08
N TYR A 11 -1.12 -1.98 -0.40
CA TYR A 11 -0.77 -1.78 1.05
C TYR A 11 0.07 -0.49 1.28
N HIS A 12 1.12 -0.21 0.46
CA HIS A 12 1.97 1.01 0.57
C HIS A 12 1.20 2.35 0.35
N ILE A 13 0.25 2.43 -0.62
CA ILE A 13 -0.57 3.66 -0.89
C ILE A 13 -1.45 3.95 0.39
N LEU A 14 -2.19 2.95 0.92
CA LEU A 14 -3.03 3.09 2.15
C LEU A 14 -2.18 3.43 3.43
N LYS A 15 -1.01 2.79 3.65
CA LYS A 15 -0.11 3.06 4.81
C LYS A 15 0.38 4.54 4.93
N HIS A 16 0.89 5.12 3.83
CA HIS A 16 1.35 6.55 3.76
C HIS A 16 0.22 7.60 4.04
N ILE A 17 -0.99 7.39 3.49
CA ILE A 17 -2.16 8.30 3.69
C ILE A 17 -2.62 8.32 5.19
N LYS A 18 -2.87 7.16 5.84
CA LYS A 18 -3.26 7.09 7.28
C LYS A 18 -2.22 7.65 8.30
N ASP A 19 -0.90 7.37 8.14
CA ASP A 19 0.15 7.92 9.05
C ASP A 19 0.41 9.45 8.93
N GLY A 20 0.32 10.04 7.70
CA GLY A 20 0.49 11.49 7.49
C GLY A 20 -0.77 12.31 7.78
N LYS A 21 -1.81 12.18 6.93
CA LYS A 21 -3.13 12.90 7.05
C LYS A 21 -3.09 14.31 6.38
N NH2 A 22 -2.21 15.22 6.79
HN1 NH2 A 22 -2.21 16.12 6.30
HN2 NH2 A 22 -1.51 14.88 7.46
C ACE A 1 0.15 -11.39 -10.99
O ACE A 1 -0.77 -12.12 -10.63
CH3 ACE A 1 -0.04 -10.43 -12.17
H1 ACE A 1 -1.05 -10.53 -12.60
H2 ACE A 1 0.68 -10.65 -12.99
H3 ACE A 1 0.10 -9.38 -11.87
N ASN A 2 1.35 -11.36 -10.40
CA ASN A 2 1.72 -12.22 -9.25
C ASN A 2 1.20 -11.61 -7.90
N GLU A 3 0.77 -12.50 -6.98
CA GLU A 3 0.24 -12.14 -5.62
C GLU A 3 1.08 -11.15 -4.74
N VAL A 4 2.42 -11.32 -4.70
CA VAL A 4 3.33 -10.44 -3.93
C VAL A 4 3.34 -8.99 -4.51
N SER A 5 3.58 -8.84 -5.82
CA SER A 5 3.57 -7.52 -6.52
C SER A 5 2.25 -6.69 -6.36
N GLU A 6 1.08 -7.33 -6.60
CA GLU A 6 -0.25 -6.67 -6.46
C GLU A 6 -0.60 -6.16 -5.01
N ARG A 7 -0.39 -7.00 -3.97
CA ARG A 7 -0.66 -6.64 -2.56
C ARG A 7 0.31 -5.56 -1.97
N VAL A 8 1.63 -5.61 -2.25
CA VAL A 8 2.62 -4.58 -1.77
C VAL A 8 2.22 -3.14 -2.28
N HIS A 9 1.84 -3.01 -3.58
CA HIS A 9 1.40 -1.74 -4.20
C HIS A 9 0.18 -1.08 -3.46
N VAL A 10 -0.90 -1.87 -3.23
CA VAL A 10 -2.12 -1.40 -2.52
C VAL A 10 -1.88 -1.06 -1.00
N TYR A 11 -0.97 -1.79 -0.29
CA TYR A 11 -0.64 -1.53 1.13
C TYR A 11 0.16 -0.19 1.32
N HIS A 12 1.17 0.12 0.48
CA HIS A 12 1.95 1.39 0.55
C HIS A 12 1.12 2.68 0.28
N ILE A 13 0.16 2.67 -0.69
CA ILE A 13 -0.74 3.84 -0.98
C ILE A 13 -1.63 4.14 0.29
N LEU A 14 -2.26 3.10 0.90
CA LEU A 14 -3.09 3.25 2.13
C LEU A 14 -2.24 3.69 3.38
N LYS A 15 -1.03 3.13 3.63
CA LYS A 15 -0.17 3.56 4.78
C LYS A 15 0.33 5.04 4.72
N HIS A 16 0.72 5.54 3.54
CA HIS A 16 1.17 6.95 3.36
C HIS A 16 0.02 8.00 3.54
N ILE A 17 -1.13 7.81 2.89
CA ILE A 17 -2.30 8.74 2.97
C ILE A 17 -3.00 8.69 4.37
N LYS A 18 -3.52 7.53 4.83
CA LYS A 18 -4.20 7.41 6.16
C LYS A 18 -3.26 7.59 7.39
N ASP A 19 -2.24 6.73 7.57
CA ASP A 19 -1.30 6.83 8.72
C ASP A 19 -0.28 8.03 8.65
N GLY A 20 0.22 8.42 7.47
CA GLY A 20 1.15 9.56 7.33
C GLY A 20 0.49 10.97 7.38
N LYS A 21 -0.46 11.25 6.46
CA LYS A 21 -1.18 12.56 6.41
C LYS A 21 -2.36 12.60 7.42
N NH2 A 22 -3.46 11.88 7.21
HN1 NH2 A 22 -4.19 11.95 7.92
HN2 NH2 A 22 -3.48 11.31 6.36
C ACE A 1 2.87 -11.36 -10.15
O ACE A 1 2.10 -10.42 -10.40
CH3 ACE A 1 4.37 -11.16 -10.25
H1 ACE A 1 4.82 -11.90 -10.96
H2 ACE A 1 4.87 -11.29 -9.27
H3 ACE A 1 4.63 -10.15 -10.62
N ASN A 2 2.46 -12.57 -9.77
CA ASN A 2 1.03 -12.97 -9.66
C ASN A 2 0.60 -12.89 -8.17
N GLU A 3 -0.40 -12.02 -7.89
CA GLU A 3 -1.01 -11.81 -6.53
C GLU A 3 -0.13 -11.07 -5.48
N VAL A 4 1.18 -11.37 -5.41
CA VAL A 4 2.16 -10.73 -4.49
C VAL A 4 2.45 -9.26 -4.94
N SER A 5 2.89 -9.05 -6.19
CA SER A 5 3.18 -7.70 -6.76
C SER A 5 2.00 -6.69 -6.66
N GLU A 6 0.79 -7.09 -7.08
CA GLU A 6 -0.44 -6.25 -7.02
C GLU A 6 -0.88 -5.81 -5.58
N ARG A 7 -0.92 -6.74 -4.61
CA ARG A 7 -1.27 -6.44 -3.19
C ARG A 7 -0.23 -5.55 -2.42
N VAL A 8 1.10 -5.77 -2.60
CA VAL A 8 2.16 -4.93 -1.95
C VAL A 8 2.03 -3.42 -2.37
N HIS A 9 1.82 -3.14 -3.67
CA HIS A 9 1.61 -1.78 -4.23
C HIS A 9 0.44 -1.00 -3.57
N VAL A 10 -0.76 -1.63 -3.50
CA VAL A 10 -1.96 -1.03 -2.87
C VAL A 10 -1.86 -0.84 -1.32
N TYR A 11 -1.14 -1.72 -0.59
CA TYR A 11 -0.92 -1.61 0.88
C TYR A 11 0.01 -0.42 1.26
N HIS A 12 1.15 -0.20 0.54
CA HIS A 12 2.08 0.93 0.79
C HIS A 12 1.46 2.35 0.54
N ILE A 13 0.64 2.54 -0.52
CA ILE A 13 -0.06 3.83 -0.81
C ILE A 13 -1.03 4.18 0.37
N LEU A 14 -1.90 3.23 0.80
CA LEU A 14 -2.83 3.41 1.95
C LEU A 14 -2.10 3.64 3.32
N LYS A 15 -1.01 2.89 3.63
CA LYS A 15 -0.22 3.06 4.89
C LYS A 15 0.36 4.48 5.11
N HIS A 16 1.02 5.06 4.08
CA HIS A 16 1.59 6.44 4.12
C HIS A 16 0.53 7.58 4.29
N ILE A 17 -0.62 7.50 3.58
CA ILE A 17 -1.72 8.51 3.68
C ILE A 17 -2.37 8.50 5.10
N LYS A 18 -2.81 7.33 5.64
CA LYS A 18 -3.40 7.23 7.00
C LYS A 18 -2.47 7.69 8.17
N ASP A 19 -1.17 7.31 8.19
CA ASP A 19 -0.21 7.75 9.24
C ASP A 19 0.17 9.28 9.21
N GLY A 20 0.23 9.91 8.02
CA GLY A 20 0.54 11.35 7.89
C GLY A 20 -0.71 12.25 8.02
N LYS A 21 -1.47 12.41 6.93
CA LYS A 21 -2.73 13.21 6.92
C LYS A 21 -3.60 12.66 5.75
N NH2 A 22 -3.46 13.15 4.52
HN1 NH2 A 22 -3.00 14.06 4.39
HN2 NH2 A 22 -3.82 12.54 3.78
C ACE A 1 0.27 -12.01 -11.21
O ACE A 1 -0.02 -11.40 -12.25
CH3 ACE A 1 -0.63 -13.18 -10.76
H1 ACE A 1 -0.05 -14.11 -10.72
H2 ACE A 1 -1.47 -13.31 -11.46
H3 ACE A 1 -1.05 -12.97 -9.76
N ASN A 2 1.35 -11.61 -10.53
CA ASN A 2 1.85 -12.25 -9.28
C ASN A 2 1.12 -11.63 -8.04
N GLU A 3 0.47 -12.51 -7.25
CA GLU A 3 -0.28 -12.12 -6.02
C GLU A 3 0.46 -11.29 -4.95
N VAL A 4 1.75 -11.59 -4.69
CA VAL A 4 2.62 -10.85 -3.73
C VAL A 4 2.91 -9.41 -4.26
N SER A 5 3.45 -9.30 -5.49
CA SER A 5 3.74 -7.99 -6.15
C SER A 5 2.54 -6.99 -6.21
N GLU A 6 1.35 -7.46 -6.67
CA GLU A 6 0.11 -6.63 -6.74
C GLU A 6 -0.40 -6.07 -5.37
N ARG A 7 -0.45 -6.91 -4.31
CA ARG A 7 -0.87 -6.49 -2.95
C ARG A 7 0.14 -5.54 -2.23
N VAL A 8 1.47 -5.76 -2.32
CA VAL A 8 2.51 -4.88 -1.70
C VAL A 8 2.38 -3.39 -2.22
N HIS A 9 2.21 -3.19 -3.55
CA HIS A 9 2.02 -1.87 -4.18
C HIS A 9 0.78 -1.08 -3.64
N VAL A 10 -0.40 -1.75 -3.61
CA VAL A 10 -1.66 -1.13 -3.13
C VAL A 10 -1.69 -0.84 -1.59
N TYR A 11 -1.02 -1.68 -0.75
CA TYR A 11 -0.92 -1.49 0.72
C TYR A 11 -0.04 -0.25 1.09
N HIS A 12 1.17 -0.08 0.50
CA HIS A 12 2.06 1.09 0.75
C HIS A 12 1.46 2.48 0.38
N ILE A 13 0.71 2.60 -0.74
CA ILE A 13 0.04 3.90 -1.14
C ILE A 13 -1.03 4.28 -0.05
N LEU A 14 -1.92 3.34 0.36
CA LEU A 14 -2.93 3.58 1.42
C LEU A 14 -2.31 3.83 2.83
N LYS A 15 -1.28 3.06 3.27
CA LYS A 15 -0.61 3.21 4.59
C LYS A 15 0.03 4.63 4.84
N HIS A 16 0.74 5.17 3.85
CA HIS A 16 1.37 6.53 3.91
C HIS A 16 0.34 7.70 4.03
N ILE A 17 -0.79 7.64 3.28
CA ILE A 17 -1.86 8.67 3.32
C ILE A 17 -2.61 8.67 4.70
N LYS A 18 -3.11 7.52 5.20
CA LYS A 18 -3.82 7.43 6.51
C LYS A 18 -2.97 7.77 7.78
N ASP A 19 -1.71 7.28 7.88
CA ASP A 19 -0.80 7.56 9.02
C ASP A 19 -0.21 9.01 9.02
N GLY A 20 0.31 9.50 7.87
CA GLY A 20 0.86 10.87 7.75
C GLY A 20 -0.20 12.00 7.82
N LYS A 21 -1.09 12.07 6.82
CA LYS A 21 -2.20 13.07 6.76
C LYS A 21 -3.37 12.66 7.70
N NH2 A 22 -4.14 11.61 7.39
HN1 NH2 A 22 -4.89 11.39 8.06
HN2 NH2 A 22 -3.91 11.10 6.54
C ACE A 1 3.19 -11.45 -10.50
O ACE A 1 2.36 -11.01 -11.30
CH3 ACE A 1 4.64 -10.94 -10.53
H1 ACE A 1 4.76 -10.12 -11.26
H2 ACE A 1 4.96 -10.54 -9.55
H3 ACE A 1 5.34 -11.74 -10.82
N ASN A 2 2.93 -12.37 -9.56
CA ASN A 2 1.60 -13.01 -9.39
C ASN A 2 1.25 -12.98 -7.88
N GLU A 3 0.15 -12.30 -7.52
CA GLU A 3 -0.39 -12.17 -6.13
C GLU A 3 0.43 -11.27 -5.16
N VAL A 4 1.77 -11.41 -5.14
CA VAL A 4 2.70 -10.58 -4.31
C VAL A 4 2.76 -9.12 -4.84
N SER A 5 3.12 -8.93 -6.13
CA SER A 5 3.17 -7.60 -6.78
C SER A 5 1.88 -6.72 -6.65
N GLU A 6 0.70 -7.30 -6.94
CA GLU A 6 -0.61 -6.62 -6.81
C GLU A 6 -0.99 -6.15 -5.37
N ARG A 7 -0.86 -7.02 -4.35
CA ARG A 7 -1.14 -6.68 -2.93
C ARG A 7 -0.15 -5.65 -2.29
N VAL A 8 1.18 -5.72 -2.56
CA VAL A 8 2.18 -4.74 -2.03
C VAL A 8 1.83 -3.28 -2.52
N HIS A 9 1.49 -3.10 -3.82
CA HIS A 9 1.09 -1.80 -4.41
C HIS A 9 -0.11 -1.13 -3.68
N VAL A 10 -1.23 -1.89 -3.49
CA VAL A 10 -2.44 -1.40 -2.82
C VAL A 10 -2.26 -1.10 -1.29
N TYR A 11 -1.40 -1.87 -0.56
CA TYR A 11 -1.10 -1.64 0.88
C TYR A 11 -0.27 -0.33 1.13
N HIS A 12 0.76 -0.03 0.31
CA HIS A 12 1.58 1.21 0.43
C HIS A 12 0.81 2.54 0.14
N ILE A 13 -0.18 2.56 -0.79
CA ILE A 13 -1.02 3.77 -1.09
C ILE A 13 -1.84 4.16 0.20
N LEU A 14 -2.58 3.21 0.81
CA LEU A 14 -3.37 3.46 2.06
C LEU A 14 -2.44 3.76 3.29
N LYS A 15 -1.30 3.06 3.49
CA LYS A 15 -0.35 3.31 4.62
C LYS A 15 0.21 4.77 4.68
N HIS A 16 0.66 5.32 3.52
CA HIS A 16 1.17 6.71 3.41
C HIS A 16 0.12 7.82 3.73
N ILE A 17 -1.15 7.65 3.29
CA ILE A 17 -2.26 8.61 3.55
C ILE A 17 -2.65 8.62 5.08
N LYS A 18 -2.94 7.45 5.71
CA LYS A 18 -3.30 7.38 7.17
C LYS A 18 -2.18 7.81 8.18
N ASP A 19 -0.92 7.38 7.97
CA ASP A 19 0.23 7.74 8.85
C ASP A 19 0.71 9.22 8.68
N GLY A 20 0.89 9.71 7.43
CA GLY A 20 1.31 11.10 7.16
C GLY A 20 0.23 12.16 7.47
N LYS A 21 -0.88 12.17 6.71
CA LYS A 21 -2.02 13.12 6.93
C LYS A 21 -2.92 12.66 8.12
N NH2 A 22 -3.66 11.55 8.03
HN1 NH2 A 22 -4.23 11.31 8.84
HN2 NH2 A 22 -3.60 11.03 7.15
#